data_5NP8
#
_entry.id   5NP8
#
_cell.length_a   35.870
_cell.length_b   103.900
_cell.length_c   50.650
_cell.angle_alpha   90.00
_cell.angle_beta   99.10
_cell.angle_gamma   90.00
#
_symmetry.space_group_name_H-M   'P 1 21 1'
#
loop_
_entity.id
_entity.type
_entity.pdbx_description
1 polymer 'Phosphoglycerate kinase 1'
2 non-polymer '3-[2-(4-bromophenyl)-5,7-dimethyl-pyrazolo[1,5-a]pyrimidin-6-yl]propanoic acid'
3 non-polymer 1,2-ETHANEDIOL
4 non-polymer '3-PHOSPHOGLYCERIC ACID'
5 water water
#
_entity_poly.entity_id   1
_entity_poly.type   'polypeptide(L)'
_entity_poly.pdbx_seq_one_letter_code
;GSHMSLSNKLTLDKLDVKGKRVVMRVDFNVPMKNNQITNNQRIKAAVPSIKFCLDNGAKSVVLMSHLGRPDGVPMPDKYS
LEPVAVELKSLLGKDVLFLKDCVGPEVEKACANPAAGSVILLENLRFHVEEEGKGKDASGNKVKAEPAKIEAFRASLSKL
GDVYVNDAFGTAHRAHSSMVGVNLPQKAGGFLMKKELNYFAKALESPERPFLAILGGAKVADKIQLINNMLDKVNEMIIG
GGMAFTFLKVLNNMEIGTSLFDEEGAKIVKDLMSKAEKNGVKITLPVDFVTADKFDENAKTGQATVASGIPAGWMGLDCG
PESSKKYAEAVTRAKQIVWNGPVGVFEWEAFARGTKALMDEVVKATSRGCITIIGGGDTATCCAKWNTEDKVSHVSTGGG
ASLELLEGKVLPGVDALSNI
;
_entity_poly.pdbx_strand_id   A
#
# COMPACT_ATOMS: atom_id res chain seq x y z
N ASN A 8 -19.47 5.98 7.35
CA ASN A 8 -19.34 7.29 8.06
C ASN A 8 -18.54 7.17 9.36
N LYS A 9 -17.23 7.25 9.20
CA LYS A 9 -16.32 7.33 10.33
C LYS A 9 -15.88 8.78 10.59
N LEU A 10 -15.57 9.07 11.84
CA LEU A 10 -14.99 10.33 12.23
C LEU A 10 -13.71 10.55 11.42
N THR A 11 -13.55 11.74 10.88
CA THR A 11 -12.32 12.16 10.31
C THR A 11 -11.80 13.39 11.07
N LEU A 12 -10.49 13.62 10.96
CA LEU A 12 -9.76 14.72 11.60
C LEU A 12 -10.42 16.14 11.40
N ASP A 13 -10.83 16.42 10.15
CA ASP A 13 -11.52 17.70 9.82
C ASP A 13 -12.81 17.94 10.61
N LYS A 14 -13.35 16.89 11.22
CA LYS A 14 -14.51 16.96 12.05
C LYS A 14 -14.18 16.83 13.53
N LEU A 15 -12.89 16.79 13.84
CA LEU A 15 -12.47 16.67 15.23
C LEU A 15 -12.01 18.00 15.78
N ASP A 16 -12.44 18.35 16.97
CA ASP A 16 -11.97 19.62 17.53
C ASP A 16 -10.73 19.29 18.31
N VAL A 17 -9.62 19.90 17.89
CA VAL A 17 -8.34 19.64 18.51
C VAL A 17 -7.81 20.80 19.29
N LYS A 18 -8.57 21.88 19.38
CA LYS A 18 -7.97 23.08 20.00
C LYS A 18 -7.61 22.83 21.45
N GLY A 19 -6.37 23.11 21.86
CA GLY A 19 -5.92 22.90 23.25
C GLY A 19 -5.65 21.41 23.61
N LYS A 20 -5.83 20.50 22.66
CA LYS A 20 -5.75 19.02 22.92
C LYS A 20 -4.41 18.43 22.44
N ARG A 21 -3.99 17.39 23.14
CA ARG A 21 -2.88 16.57 22.73
C ARG A 21 -3.43 15.59 21.72
N VAL A 22 -2.78 15.51 20.58
CA VAL A 22 -3.17 14.55 19.54
C VAL A 22 -2.13 13.45 19.50
N VAL A 23 -2.60 12.21 19.68
CA VAL A 23 -1.78 11.06 19.45
C VAL A 23 -2.17 10.49 18.08
N MET A 24 -1.21 10.50 17.17
CA MET A 24 -1.42 10.16 15.77
C MET A 24 -0.58 8.98 15.29
N ARG A 25 -1.22 7.94 14.80
CA ARG A 25 -0.53 6.82 14.26
C ARG A 25 -0.29 7.21 12.83
N VAL A 26 0.99 7.23 12.43
CA VAL A 26 1.36 7.52 11.05
C VAL A 26 2.08 6.32 10.44
N ASP A 27 2.24 6.33 9.14
CA ASP A 27 3.06 5.30 8.49
C ASP A 27 4.35 5.92 7.97
N PHE A 28 5.40 5.83 8.78
CA PHE A 28 6.72 6.37 8.47
C PHE A 28 7.63 5.21 8.23
N ASN A 29 7.08 4.08 7.76
CA ASN A 29 7.91 2.91 7.40
C ASN A 29 8.52 3.12 6.01
N VAL A 30 9.51 3.97 5.93
CA VAL A 30 10.14 4.44 4.66
C VAL A 30 11.34 3.56 4.26
N PRO A 31 11.63 3.46 2.94
CA PRO A 31 12.83 2.75 2.48
C PRO A 31 14.04 3.41 2.99
N MET A 32 14.98 2.59 3.42
CA MET A 32 16.23 3.02 4.05
C MET A 32 17.39 2.21 3.42
N LYS A 33 18.54 2.83 3.30
CA LYS A 33 19.78 2.18 2.82
C LYS A 33 20.85 2.48 3.86
N ASN A 34 21.15 1.45 4.67
CA ASN A 34 22.23 1.35 5.68
C ASN A 34 22.75 2.56 6.52
N ASN A 35 21.91 3.34 7.22
CA ASN A 35 20.45 3.29 7.16
C ASN A 35 19.87 4.71 7.19
N GLN A 36 19.60 5.25 6.00
CA GLN A 36 19.13 6.63 5.82
C GLN A 36 18.10 6.70 4.68
N ILE A 37 17.31 7.77 4.62
CA ILE A 37 15.99 7.72 3.93
C ILE A 37 16.17 7.82 2.41
N THR A 38 15.64 6.84 1.71
CA THR A 38 15.75 6.69 0.26
C THR A 38 14.51 7.22 -0.46
N ASN A 39 13.37 7.19 0.21
CA ASN A 39 12.18 7.73 -0.35
C ASN A 39 11.29 8.29 0.77
N ASN A 40 11.10 9.59 0.77
CA ASN A 40 10.36 10.22 1.85
C ASN A 40 8.91 10.46 1.56
N GLN A 41 8.35 9.78 0.57
CA GLN A 41 6.92 9.93 0.23
C GLN A 41 5.93 9.65 1.38
N ARG A 42 6.12 8.60 2.18
CA ARG A 42 5.19 8.33 3.31
C ARG A 42 5.17 9.46 4.35
N ILE A 43 6.29 10.15 4.45
CA ILE A 43 6.44 11.20 5.47
C ILE A 43 5.69 12.40 4.96
N LYS A 44 6.05 12.80 3.75
CA LYS A 44 5.28 13.77 3.01
C LYS A 44 3.77 13.64 3.13
N ALA A 45 3.28 12.43 2.86
CA ALA A 45 1.89 12.09 2.88
C ALA A 45 1.16 12.42 4.17
N ALA A 46 1.85 12.34 5.31
CA ALA A 46 1.28 12.75 6.62
C ALA A 46 1.22 14.24 6.98
N VAL A 47 2.03 15.10 6.31
CA VAL A 47 2.15 16.50 6.67
C VAL A 47 0.81 17.22 6.70
N PRO A 48 -0.10 16.92 5.76
CA PRO A 48 -1.37 17.66 5.82
C PRO A 48 -2.16 17.46 7.10
N SER A 49 -2.22 16.25 7.63
CA SER A 49 -2.88 16.02 8.90
C SER A 49 -2.15 16.72 10.03
N ILE A 50 -0.82 16.62 10.06
CA ILE A 50 -0.03 17.23 11.11
C ILE A 50 -0.24 18.75 11.15
N LYS A 51 -0.09 19.38 10.00
CA LYS A 51 -0.31 20.85 9.91
C LYS A 51 -1.68 21.29 10.26
N PHE A 52 -2.67 20.49 9.85
CA PHE A 52 -4.06 20.72 10.24
C PHE A 52 -4.15 20.79 11.74
N CYS A 53 -3.64 19.78 12.43
CA CYS A 53 -3.65 19.82 13.89
C CYS A 53 -3.01 21.09 14.48
N LEU A 54 -1.82 21.41 14.01
CA LEU A 54 -1.07 22.58 14.52
C LEU A 54 -1.81 23.85 14.14
N ASP A 55 -2.33 23.93 12.92
CA ASP A 55 -3.13 25.13 12.51
C ASP A 55 -4.42 25.31 13.27
N ASN A 56 -5.04 24.24 13.76
CA ASN A 56 -6.23 24.37 14.54
C ASN A 56 -6.08 24.32 16.05
N GLY A 57 -4.89 24.66 16.55
CA GLY A 57 -4.68 24.95 17.96
C GLY A 57 -4.30 23.73 18.80
N ALA A 58 -3.92 22.60 18.20
CA ALA A 58 -3.55 21.44 19.01
C ALA A 58 -2.40 21.78 19.96
N LYS A 59 -2.47 21.31 21.18
CA LYS A 59 -1.34 21.51 22.08
C LYS A 59 -0.13 20.72 21.75
N SER A 60 -0.33 19.50 21.22
CA SER A 60 0.78 18.69 20.80
C SER A 60 0.35 17.69 19.74
N VAL A 61 1.33 17.18 18.96
CA VAL A 61 1.07 16.06 18.04
C VAL A 61 2.13 15.06 18.40
N VAL A 62 1.72 13.89 18.89
CA VAL A 62 2.69 12.85 19.24
C VAL A 62 2.60 11.79 18.13
N LEU A 63 3.68 11.56 17.38
CA LEU A 63 3.63 10.73 16.23
C LEU A 63 4.15 9.35 16.55
N MET A 64 3.44 8.29 16.14
CA MET A 64 3.96 6.97 16.36
C MET A 64 3.87 6.14 15.16
N SER A 65 4.89 5.32 14.95
CA SER A 65 5.00 4.50 13.78
C SER A 65 5.92 3.29 14.05
N HIS A 66 5.87 2.35 13.14
CA HIS A 66 6.92 1.36 13.03
C HIS A 66 7.83 1.64 11.83
N LEU A 67 8.96 0.90 11.80
CA LEU A 67 9.94 0.94 10.69
C LEU A 67 10.58 -0.43 10.57
N GLY A 68 10.51 -1.04 9.40
CA GLY A 68 11.04 -2.44 9.27
C GLY A 68 10.33 -3.54 10.02
N ARG A 69 11.05 -4.65 10.26
CA ARG A 69 10.50 -5.76 10.97
C ARG A 69 11.52 -6.18 12.04
N PRO A 70 11.66 -5.35 13.10
CA PRO A 70 12.61 -5.61 14.22
C PRO A 70 12.07 -6.74 15.04
N ASP A 71 10.80 -7.08 14.80
CA ASP A 71 10.18 -8.29 15.38
C ASP A 71 10.12 -8.29 16.90
N GLY A 72 9.85 -7.14 17.51
CA GLY A 72 9.69 -7.10 18.98
C GLY A 72 10.95 -7.06 19.80
N VAL A 73 12.06 -6.74 19.16
CA VAL A 73 13.39 -6.63 19.76
C VAL A 73 13.79 -5.18 19.55
N PRO A 74 14.36 -4.50 20.55
CA PRO A 74 14.86 -3.17 20.27
C PRO A 74 16.09 -3.23 19.38
N MET A 75 15.99 -2.57 18.23
CA MET A 75 17.08 -2.51 17.26
C MET A 75 17.39 -1.08 16.83
N PRO A 76 17.73 -0.20 17.79
CA PRO A 76 18.02 1.17 17.51
C PRO A 76 19.23 1.43 16.56
N ASP A 77 20.15 0.47 16.36
CA ASP A 77 21.26 0.69 15.39
C ASP A 77 20.83 0.39 14.00
N LYS A 78 19.73 -0.34 13.84
CA LYS A 78 19.32 -0.72 12.55
C LYS A 78 18.01 -0.07 12.10
N TYR A 79 17.01 -0.05 12.99
CA TYR A 79 15.65 0.33 12.58
C TYR A 79 15.09 1.48 13.42
N SER A 80 15.91 2.42 13.84
CA SER A 80 15.45 3.59 14.59
C SER A 80 14.71 4.64 13.70
N LEU A 81 13.74 5.33 14.29
CA LEU A 81 13.06 6.40 13.58
C LEU A 81 13.77 7.71 13.61
N GLU A 82 14.95 7.77 14.27
CA GLU A 82 15.63 9.00 14.50
C GLU A 82 15.85 9.83 13.19
N PRO A 83 16.28 9.16 12.11
CA PRO A 83 16.49 9.97 10.90
C PRO A 83 15.20 10.61 10.36
N VAL A 84 14.08 9.91 10.60
CA VAL A 84 12.78 10.44 10.24
C VAL A 84 12.46 11.76 10.97
N ALA A 85 12.86 11.94 12.22
CA ALA A 85 12.63 13.25 12.90
C ALA A 85 13.30 14.43 12.11
N VAL A 86 14.51 14.17 11.62
CA VAL A 86 15.24 15.20 10.92
C VAL A 86 14.58 15.49 9.57
N GLU A 87 14.23 14.48 8.79
CA GLU A 87 13.47 14.66 7.58
C GLU A 87 12.12 15.37 7.75
N LEU A 88 11.33 14.93 8.72
CA LEU A 88 10.11 15.64 9.08
C LEU A 88 10.31 17.11 9.49
N LYS A 89 11.37 17.43 10.20
CA LYS A 89 11.61 18.83 10.47
C LYS A 89 11.75 19.67 9.17
N SER A 90 12.42 19.11 8.19
CA SER A 90 12.67 19.77 6.89
C SER A 90 11.32 20.01 6.21
N LEU A 91 10.50 18.98 6.21
CA LEU A 91 9.26 18.98 5.51
C LEU A 91 8.21 19.82 6.16
N LEU A 92 8.17 19.85 7.50
CA LEU A 92 7.25 20.70 8.29
C LEU A 92 7.63 22.10 8.48
N GLY A 93 8.92 22.35 8.54
CA GLY A 93 9.42 23.65 8.88
C GLY A 93 9.18 23.89 10.35
N LYS A 94 9.26 22.84 11.14
CA LYS A 94 9.07 22.93 12.56
C LYS A 94 9.95 21.86 13.25
N ASP A 95 10.47 22.19 14.45
CA ASP A 95 11.26 21.29 15.26
CA ASP A 95 11.30 21.21 15.18
C ASP A 95 10.48 20.02 15.57
N VAL A 96 11.13 18.87 15.58
CA VAL A 96 10.51 17.63 15.96
C VAL A 96 11.39 17.07 17.11
N LEU A 97 10.80 16.76 18.24
CA LEU A 97 11.49 16.08 19.33
C LEU A 97 11.42 14.59 19.13
N PHE A 98 12.54 13.89 19.24
CA PHE A 98 12.59 12.53 19.05
C PHE A 98 12.76 11.93 20.42
N LEU A 99 11.96 10.93 20.73
CA LEU A 99 12.08 10.18 22.00
C LEU A 99 12.55 8.77 21.71
N LYS A 100 13.47 8.26 22.55
CA LYS A 100 14.15 7.00 22.29
C LYS A 100 13.29 5.76 22.71
N ASP A 101 12.06 5.99 23.14
CA ASP A 101 11.09 4.91 23.36
C ASP A 101 9.71 5.43 23.02
N CYS A 102 8.71 4.55 23.13
CA CYS A 102 7.35 4.94 22.73
C CYS A 102 6.36 4.66 23.82
N VAL A 103 6.78 3.99 24.89
CA VAL A 103 5.90 3.82 26.04
C VAL A 103 6.66 3.96 27.34
N GLY A 104 5.94 3.87 28.45
CA GLY A 104 6.62 3.87 29.73
C GLY A 104 6.61 5.24 30.40
N PRO A 105 7.09 5.31 31.66
CA PRO A 105 6.94 6.54 32.47
C PRO A 105 7.66 7.74 31.91
N GLU A 106 8.89 7.62 31.39
CA GLU A 106 9.56 8.82 30.88
C GLU A 106 8.87 9.42 29.64
N VAL A 107 8.38 8.54 28.73
CA VAL A 107 7.63 8.97 27.55
C VAL A 107 6.31 9.59 27.99
N GLU A 108 5.58 8.96 28.94
CA GLU A 108 4.28 9.50 29.40
C GLU A 108 4.44 10.92 29.94
N LYS A 109 5.50 11.09 30.71
CA LYS A 109 5.80 12.37 31.34
C LYS A 109 6.17 13.37 30.26
N ALA A 110 6.95 12.94 29.27
CA ALA A 110 7.29 13.84 28.20
C ALA A 110 6.08 14.33 27.44
N CYS A 111 5.02 13.49 27.27
CA CYS A 111 3.82 13.81 26.49
C CYS A 111 2.64 14.32 27.35
N ALA A 112 2.84 14.44 28.65
CA ALA A 112 1.75 14.78 29.54
C ALA A 112 1.32 16.23 29.33
N ASN A 113 2.27 17.15 29.17
CA ASN A 113 1.88 18.58 28.97
C ASN A 113 2.96 19.32 28.19
N PRO A 114 3.05 19.03 26.90
CA PRO A 114 4.10 19.62 26.14
C PRO A 114 3.85 21.09 25.95
N ALA A 115 4.94 21.82 25.75
CA ALA A 115 4.84 23.20 25.32
C ALA A 115 3.95 23.25 24.11
N ALA A 116 3.24 24.37 24.00
CA ALA A 116 2.12 24.51 23.05
C ALA A 116 2.67 24.35 21.67
N GLY A 117 2.04 23.47 20.88
CA GLY A 117 2.47 23.23 19.47
C GLY A 117 3.58 22.19 19.25
N SER A 118 3.95 21.45 20.27
CA SER A 118 5.11 20.61 20.22
C SER A 118 4.78 19.41 19.30
N VAL A 119 5.72 19.08 18.43
CA VAL A 119 5.65 17.82 17.65
C VAL A 119 6.67 16.87 18.18
N ILE A 120 6.18 15.68 18.52
CA ILE A 120 6.98 14.68 19.13
C ILE A 120 6.89 13.43 18.28
N LEU A 121 8.03 12.83 17.95
CA LEU A 121 8.08 11.54 17.28
C LEU A 121 8.70 10.48 18.21
N LEU A 122 7.96 9.39 18.42
CA LEU A 122 8.38 8.31 19.27
C LEU A 122 9.21 7.31 18.48
N GLU A 123 9.99 6.53 19.21
CA GLU A 123 10.79 5.47 18.63
C GLU A 123 9.90 4.32 18.14
N ASN A 124 10.43 3.55 17.21
CA ASN A 124 9.79 2.44 16.58
C ASN A 124 8.90 1.60 17.50
N LEU A 125 7.59 1.57 17.22
CA LEU A 125 6.65 0.78 18.03
C LEU A 125 6.99 -0.72 18.03
N ARG A 126 7.57 -1.23 16.94
CA ARG A 126 7.83 -2.66 16.84
C ARG A 126 9.10 -3.08 17.60
N PHE A 127 9.72 -2.16 18.35
CA PHE A 127 10.76 -2.56 19.30
C PHE A 127 10.13 -3.23 20.50
N HIS A 128 8.80 -3.20 20.61
CA HIS A 128 8.08 -3.96 21.61
C HIS A 128 7.19 -5.01 21.04
N VAL A 129 7.27 -6.21 21.61
CA VAL A 129 6.49 -7.33 21.05
C VAL A 129 4.99 -7.10 21.18
N GLU A 130 4.60 -6.20 22.09
CA GLU A 130 3.18 -5.94 22.38
C GLU A 130 2.50 -5.16 21.25
N GLU A 131 3.29 -4.50 20.35
CA GLU A 131 2.67 -3.85 19.19
C GLU A 131 2.02 -4.82 18.24
N GLU A 132 2.80 -5.76 17.71
CA GLU A 132 2.25 -6.79 16.86
C GLU A 132 1.58 -7.89 17.66
N GLY A 133 2.00 -8.12 18.91
CA GLY A 133 1.39 -9.15 19.74
C GLY A 133 2.11 -10.49 19.63
N LYS A 134 3.08 -10.55 18.74
CA LYS A 134 3.93 -11.75 18.49
C LYS A 134 5.21 -11.18 18.01
N GLY A 135 6.29 -11.93 18.14
CA GLY A 135 7.55 -11.48 17.62
C GLY A 135 8.56 -12.64 17.64
N LYS A 136 9.82 -12.31 17.63
CA LYS A 136 10.88 -13.31 17.66
C LYS A 136 11.83 -12.87 18.74
N ASP A 137 12.60 -13.77 19.31
CA ASP A 137 13.58 -13.32 20.29
C ASP A 137 14.93 -13.06 19.62
N ALA A 138 15.91 -12.76 20.48
CA ALA A 138 17.30 -12.54 20.07
C ALA A 138 17.83 -13.72 19.23
N SER A 139 17.39 -14.93 19.56
CA SER A 139 17.80 -16.13 18.85
C SER A 139 16.99 -16.46 17.62
N GLY A 140 15.99 -15.64 17.28
CA GLY A 140 15.12 -15.94 16.16
C GLY A 140 13.99 -16.93 16.44
N ASN A 141 13.69 -17.26 17.70
CA ASN A 141 12.54 -18.11 17.97
C ASN A 141 11.31 -17.26 18.28
N LYS A 142 10.14 -17.79 17.93
CA LYS A 142 8.85 -17.10 18.07
C LYS A 142 8.51 -16.89 19.51
N VAL A 143 8.11 -15.65 19.87
CA VAL A 143 7.60 -15.37 21.21
C VAL A 143 6.17 -14.78 21.14
N LYS A 144 5.35 -15.06 22.14
CA LYS A 144 4.00 -14.51 22.16
C LYS A 144 4.02 -13.38 23.18
N ALA A 145 3.37 -12.25 22.87
CA ALA A 145 3.15 -11.22 23.89
C ALA A 145 2.19 -11.73 24.97
N GLU A 146 2.35 -11.33 26.23
CA GLU A 146 1.40 -11.68 27.30
C GLU A 146 0.25 -10.65 27.35
N PRO A 147 -0.99 -11.10 27.62
CA PRO A 147 -2.11 -10.17 27.65
C PRO A 147 -1.94 -9.02 28.60
N ALA A 148 -1.43 -9.23 29.84
CA ALA A 148 -1.31 -8.11 30.73
C ALA A 148 -0.32 -7.07 30.18
N LYS A 149 0.69 -7.54 29.47
CA LYS A 149 1.72 -6.63 28.92
C LYS A 149 1.15 -5.84 27.73
N ILE A 150 0.31 -6.51 26.96
CA ILE A 150 -0.35 -5.85 25.78
C ILE A 150 -1.30 -4.78 26.31
N GLU A 151 -2.03 -5.14 27.36
CA GLU A 151 -2.85 -4.14 28.04
C GLU A 151 -2.06 -2.92 28.52
N ALA A 152 -0.89 -3.11 29.14
CA ALA A 152 -0.09 -2.03 29.67
C ALA A 152 0.43 -1.18 28.51
N PHE A 153 0.77 -1.83 27.44
CA PHE A 153 1.35 -1.10 26.27
C PHE A 153 0.29 -0.18 25.66
N ARG A 154 -0.88 -0.71 25.46
CA ARG A 154 -2.02 0.03 24.87
C ARG A 154 -2.46 1.18 25.79
N ALA A 155 -2.50 0.91 27.11
CA ALA A 155 -2.79 1.97 28.10
C ALA A 155 -1.76 3.10 28.04
N SER A 156 -0.47 2.77 27.87
CA SER A 156 0.58 3.74 27.86
C SER A 156 0.45 4.63 26.62
N LEU A 157 0.21 4.03 25.46
CA LEU A 157 -0.04 4.79 24.22
C LEU A 157 -1.22 5.70 24.35
N SER A 158 -2.25 5.21 25.00
CA SER A 158 -3.50 5.96 25.19
C SER A 158 -3.24 7.16 26.12
N LYS A 159 -2.20 7.16 26.95
CA LYS A 159 -2.01 8.34 27.78
C LYS A 159 -1.40 9.56 27.05
N LEU A 160 -0.92 9.35 25.82
CA LEU A 160 0.01 10.24 25.17
C LEU A 160 -0.74 11.36 24.42
N GLY A 161 -2.04 11.21 24.37
CA GLY A 161 -2.94 12.12 23.70
C GLY A 161 -4.31 12.15 24.40
N ASP A 162 -5.04 13.24 24.18
CA ASP A 162 -6.43 13.35 24.50
C ASP A 162 -7.32 12.80 23.41
N VAL A 163 -6.92 12.86 22.15
CA VAL A 163 -7.73 12.38 21.03
C VAL A 163 -6.79 11.54 20.18
N TYR A 164 -7.34 10.61 19.42
CA TYR A 164 -6.54 9.79 18.57
C TYR A 164 -6.86 9.99 17.11
N VAL A 165 -5.82 10.09 16.31
CA VAL A 165 -5.91 10.04 14.86
C VAL A 165 -5.07 8.89 14.26
N ASN A 166 -5.65 8.21 13.30
CA ASN A 166 -4.97 7.16 12.56
C ASN A 166 -4.86 7.63 11.11
N ASP A 167 -3.62 7.97 10.72
CA ASP A 167 -3.32 8.33 9.35
C ASP A 167 -2.49 7.26 8.64
N ALA A 168 -2.44 6.05 9.23
CA ALA A 168 -1.53 5.03 8.79
C ALA A 168 -2.26 3.97 8.01
N PHE A 169 -2.77 4.39 6.87
CA PHE A 169 -3.44 3.53 5.98
C PHE A 169 -2.52 2.33 5.60
N GLY A 170 -1.23 2.54 5.37
CA GLY A 170 -0.36 1.39 5.05
C GLY A 170 -0.32 0.28 6.11
N THR A 171 -0.82 0.53 7.31
CA THR A 171 -0.81 -0.49 8.40
C THR A 171 -2.21 -0.90 8.85
N ALA A 172 -3.21 -0.31 8.20
CA ALA A 172 -4.56 -0.48 8.61
C ALA A 172 -5.13 -1.87 8.47
N HIS A 173 -4.50 -2.73 7.67
CA HIS A 173 -4.83 -4.15 7.72
C HIS A 173 -4.30 -4.97 8.93
N ARG A 174 -3.51 -4.37 9.80
CA ARG A 174 -2.93 -5.09 10.96
C ARG A 174 -3.70 -4.74 12.23
N ALA A 175 -4.24 -5.73 12.95
CA ALA A 175 -4.86 -5.45 14.21
C ALA A 175 -3.81 -5.29 15.32
N HIS A 176 -2.96 -4.33 15.13
CA HIS A 176 -1.87 -4.06 16.09
C HIS A 176 -2.26 -3.08 17.18
N SER A 177 -1.54 -3.08 18.29
CA SER A 177 -1.87 -2.19 19.43
C SER A 177 -2.08 -0.75 19.03
N SER A 178 -1.17 -0.19 18.21
CA SER A 178 -1.27 1.21 17.90
C SER A 178 -2.46 1.49 16.96
N MET A 179 -3.04 0.43 16.38
CA MET A 179 -4.08 0.50 15.39
C MET A 179 -5.51 0.20 15.94
N VAL A 180 -5.66 -0.67 16.93
CA VAL A 180 -6.98 -1.02 17.37
C VAL A 180 -7.02 -0.93 18.90
N GLY A 181 -5.91 -0.58 19.55
CA GLY A 181 -5.80 -0.64 21.02
C GLY A 181 -5.78 0.66 21.74
N VAL A 182 -5.83 1.76 21.02
CA VAL A 182 -5.81 3.02 21.68
C VAL A 182 -7.25 3.36 22.13
N ASN A 183 -7.40 3.50 23.44
CA ASN A 183 -8.70 3.70 24.06
C ASN A 183 -8.85 5.17 24.39
N LEU A 184 -9.37 5.92 23.43
CA LEU A 184 -9.71 7.32 23.73
C LEU A 184 -11.06 7.52 23.20
N PRO A 185 -11.79 8.53 23.71
CA PRO A 185 -13.20 8.76 23.32
C PRO A 185 -13.38 9.09 21.85
N GLN A 186 -12.44 9.84 21.28
CA GLN A 186 -12.50 10.07 19.85
C GLN A 186 -11.29 9.54 19.08
N LYS A 187 -11.59 8.72 18.09
CA LYS A 187 -10.64 8.04 17.20
C LYS A 187 -11.01 8.39 15.75
N ALA A 188 -10.24 9.29 15.18
CA ALA A 188 -10.49 9.81 13.83
C ALA A 188 -9.52 9.31 12.79
N GLY A 189 -10.01 9.08 11.57
CA GLY A 189 -9.09 8.94 10.46
C GLY A 189 -8.46 10.26 10.05
N GLY A 190 -7.16 10.23 9.70
CA GLY A 190 -6.44 11.36 9.18
C GLY A 190 -6.83 11.62 7.71
N PHE A 191 -6.22 12.62 7.13
CA PHE A 191 -6.58 13.01 5.75
C PHE A 191 -6.04 12.02 4.77
N LEU A 192 -4.93 11.32 5.08
CA LEU A 192 -4.45 10.29 4.21
C LEU A 192 -5.37 9.10 4.23
N MET A 193 -5.72 8.71 5.42
CA MET A 193 -6.65 7.64 5.61
C MET A 193 -7.95 7.92 4.89
N LYS A 194 -8.46 9.14 5.05
CA LYS A 194 -9.72 9.57 4.40
C LYS A 194 -9.67 9.39 2.88
N LYS A 195 -8.57 9.85 2.32
CA LYS A 195 -8.35 9.86 0.87
C LYS A 195 -8.24 8.44 0.31
N GLU A 196 -7.54 7.56 1.05
CA GLU A 196 -7.44 6.17 0.63
C GLU A 196 -8.79 5.49 0.72
N LEU A 197 -9.51 5.69 1.79
CA LEU A 197 -10.79 4.99 1.91
C LEU A 197 -11.82 5.55 0.89
N ASN A 198 -11.80 6.84 0.66
CA ASN A 198 -12.73 7.41 -0.29
C ASN A 198 -12.50 6.92 -1.70
N TYR A 199 -11.24 6.84 -2.13
CA TYR A 199 -10.95 6.37 -3.49
C TYR A 199 -11.32 4.95 -3.63
N PHE A 200 -10.90 4.15 -2.66
CA PHE A 200 -11.37 2.75 -2.68
C PHE A 200 -12.90 2.48 -2.48
N ALA A 201 -13.62 3.23 -1.65
CA ALA A 201 -15.03 2.96 -1.41
C ALA A 201 -15.82 3.33 -2.65
N LYS A 202 -15.47 4.50 -3.16
CA LYS A 202 -16.07 4.98 -4.38
C LYS A 202 -15.95 3.86 -5.39
N ALA A 203 -14.73 3.44 -5.63
CA ALA A 203 -14.44 2.55 -6.72
C ALA A 203 -15.08 1.23 -6.55
N LEU A 204 -15.06 0.74 -5.31
CA LEU A 204 -15.54 -0.59 -5.02
C LEU A 204 -17.09 -0.68 -5.07
N GLU A 205 -17.73 0.25 -4.36
CA GLU A 205 -19.14 0.18 -4.09
C GLU A 205 -19.99 0.99 -5.07
N SER A 206 -19.50 2.11 -5.59
CA SER A 206 -20.21 2.83 -6.67
C SER A 206 -19.27 3.37 -7.73
N PRO A 207 -18.74 2.46 -8.52
CA PRO A 207 -17.78 2.77 -9.58
C PRO A 207 -18.38 3.62 -10.74
N GLU A 208 -17.61 4.52 -11.31
CA GLU A 208 -17.98 5.07 -12.60
C GLU A 208 -17.81 3.93 -13.58
N ARG A 209 -18.40 4.08 -14.74
CA ARG A 209 -18.46 2.94 -15.67
C ARG A 209 -18.20 3.42 -17.07
N PRO A 210 -17.41 2.69 -17.83
CA PRO A 210 -16.87 1.37 -17.42
C PRO A 210 -15.77 1.46 -16.39
N PHE A 211 -15.72 0.46 -15.50
CA PHE A 211 -14.65 0.31 -14.48
C PHE A 211 -13.70 -0.80 -14.94
N LEU A 212 -12.41 -0.45 -15.10
CA LEU A 212 -11.38 -1.37 -15.55
C LEU A 212 -10.43 -1.63 -14.40
N ALA A 213 -10.15 -2.92 -14.17
CA ALA A 213 -9.11 -3.32 -13.26
C ALA A 213 -7.93 -3.78 -14.07
N ILE A 214 -6.76 -3.26 -13.75
CA ILE A 214 -5.52 -3.69 -14.39
C ILE A 214 -4.73 -4.44 -13.29
N LEU A 215 -4.60 -5.77 -13.43
CA LEU A 215 -3.92 -6.59 -12.44
C LEU A 215 -2.69 -7.20 -13.05
N GLY A 216 -1.53 -6.90 -12.46
CA GLY A 216 -0.31 -7.53 -12.88
C GLY A 216 0.37 -8.22 -11.72
N GLY A 217 1.68 -8.31 -11.79
CA GLY A 217 2.48 -8.95 -10.70
C GLY A 217 2.85 -10.36 -11.07
N ALA A 218 3.52 -11.03 -10.18
CA ALA A 218 4.22 -12.24 -10.52
C ALA A 218 3.45 -13.49 -10.33
N LYS A 219 2.83 -13.64 -9.17
CA LYS A 219 2.26 -14.91 -8.78
C LYS A 219 0.79 -14.78 -9.02
N VAL A 220 0.19 -15.89 -9.39
CA VAL A 220 -1.25 -15.97 -9.54
C VAL A 220 -1.88 -16.35 -8.19
N ALA A 221 -1.33 -17.35 -7.51
CA ALA A 221 -2.03 -17.91 -6.36
C ALA A 221 -2.22 -16.87 -5.28
N ASP A 222 -1.37 -15.85 -5.23
CA ASP A 222 -1.57 -14.87 -4.16
C ASP A 222 -2.62 -13.77 -4.52
N LYS A 223 -3.09 -13.78 -5.75
CA LYS A 223 -4.08 -12.83 -6.26
C LYS A 223 -5.44 -13.46 -6.58
N ILE A 224 -5.69 -14.68 -6.12
CA ILE A 224 -6.92 -15.39 -6.48
C ILE A 224 -8.12 -14.63 -5.96
N GLN A 225 -8.11 -14.33 -4.66
CA GLN A 225 -9.25 -13.63 -4.07
C GLN A 225 -9.39 -12.20 -4.61
N LEU A 226 -8.24 -11.54 -4.88
CA LEU A 226 -8.27 -10.23 -5.48
C LEU A 226 -9.02 -10.26 -6.80
N ILE A 227 -8.68 -11.22 -7.64
CA ILE A 227 -9.31 -11.29 -8.95
C ILE A 227 -10.78 -11.66 -8.73
N ASN A 228 -11.05 -12.59 -7.80
CA ASN A 228 -12.41 -13.07 -7.56
C ASN A 228 -13.35 -11.95 -7.10
N ASN A 229 -12.90 -11.18 -6.12
CA ASN A 229 -13.65 -10.05 -5.67
C ASN A 229 -13.76 -9.02 -6.76
N MET A 230 -12.67 -8.69 -7.46
CA MET A 230 -12.75 -7.64 -8.47
C MET A 230 -13.69 -8.02 -9.61
N LEU A 231 -13.86 -9.31 -9.89
CA LEU A 231 -14.84 -9.70 -10.89
C LEU A 231 -16.31 -9.44 -10.54
N ASP A 232 -16.58 -9.29 -9.26
CA ASP A 232 -17.89 -8.78 -8.81
C ASP A 232 -18.10 -7.30 -9.00
N LYS A 233 -17.01 -6.52 -9.11
CA LYS A 233 -17.11 -5.03 -9.20
C LYS A 233 -16.90 -4.45 -10.56
N VAL A 234 -16.01 -5.01 -11.37
CA VAL A 234 -15.55 -4.38 -12.62
C VAL A 234 -16.34 -4.79 -13.87
N ASN A 235 -16.18 -4.02 -14.92
CA ASN A 235 -16.64 -4.36 -16.28
C ASN A 235 -15.60 -4.92 -17.24
N GLU A 236 -14.33 -4.57 -16.99
CA GLU A 236 -13.22 -5.07 -17.79
C GLU A 236 -12.01 -5.37 -16.88
N MET A 237 -11.12 -6.24 -17.37
CA MET A 237 -9.94 -6.62 -16.60
C MET A 237 -8.85 -7.07 -17.51
N ILE A 238 -7.75 -6.36 -17.39
CA ILE A 238 -6.50 -6.72 -17.98
C ILE A 238 -5.80 -7.58 -16.94
N ILE A 239 -5.46 -8.80 -17.35
CA ILE A 239 -4.56 -9.70 -16.63
C ILE A 239 -3.27 -9.69 -17.37
N GLY A 240 -2.33 -9.10 -16.72
CA GLY A 240 -1.06 -8.82 -17.33
C GLY A 240 0.08 -9.25 -16.45
N GLY A 241 1.29 -8.85 -16.89
CA GLY A 241 2.48 -9.07 -16.12
C GLY A 241 2.75 -10.56 -16.00
N GLY A 242 3.52 -10.92 -15.01
CA GLY A 242 3.94 -12.34 -14.86
C GLY A 242 2.82 -13.37 -14.76
N MET A 243 1.77 -13.04 -14.07
CA MET A 243 0.50 -13.82 -14.07
C MET A 243 0.00 -14.30 -15.39
N ALA A 244 0.11 -13.49 -16.43
CA ALA A 244 -0.52 -13.86 -17.68
C ALA A 244 0.01 -15.17 -18.24
N PHE A 245 1.26 -15.53 -18.00
CA PHE A 245 1.77 -16.76 -18.60
C PHE A 245 1.04 -18.02 -18.15
N THR A 246 0.58 -18.04 -16.91
CA THR A 246 -0.20 -19.19 -16.36
C THR A 246 -1.52 -19.22 -17.09
N PHE A 247 -2.14 -18.07 -17.22
CA PHE A 247 -3.41 -18.04 -17.99
C PHE A 247 -3.26 -18.55 -19.44
N LEU A 248 -2.26 -18.07 -20.16
CA LEU A 248 -2.09 -18.38 -21.55
C LEU A 248 -1.65 -19.82 -21.77
N LYS A 249 -0.84 -20.33 -20.85
CA LYS A 249 -0.47 -21.75 -20.93
C LYS A 249 -1.74 -22.60 -20.81
N VAL A 250 -2.55 -22.31 -19.84
CA VAL A 250 -3.79 -23.15 -19.60
C VAL A 250 -4.85 -22.98 -20.76
N LEU A 251 -5.13 -21.73 -21.12
CA LEU A 251 -6.23 -21.43 -22.01
C LEU A 251 -5.87 -21.65 -23.47
N ASN A 252 -4.63 -21.39 -23.85
CA ASN A 252 -4.22 -21.43 -25.25
C ASN A 252 -3.23 -22.51 -25.56
N ASN A 253 -2.82 -23.25 -24.52
CA ASN A 253 -1.66 -24.15 -24.56
CA ASN A 253 -1.70 -24.11 -24.59
C ASN A 253 -0.44 -23.44 -25.10
N MET A 254 -0.22 -22.19 -24.69
CA MET A 254 0.94 -21.46 -25.19
C MET A 254 2.24 -22.11 -24.70
N GLU A 255 3.26 -22.09 -25.53
CA GLU A 255 4.62 -22.49 -25.11
C GLU A 255 5.23 -21.26 -24.42
N ILE A 256 5.58 -21.38 -23.14
CA ILE A 256 6.01 -20.19 -22.41
C ILE A 256 7.50 -20.18 -22.01
N GLY A 257 8.30 -21.20 -22.37
CA GLY A 257 9.74 -21.19 -22.02
C GLY A 257 9.90 -21.31 -20.53
N THR A 258 10.80 -20.52 -19.99
CA THR A 258 11.08 -20.45 -18.57
C THR A 258 10.35 -19.31 -17.86
N SER A 259 9.31 -18.77 -18.51
CA SER A 259 8.44 -17.77 -17.93
C SER A 259 7.80 -18.29 -16.69
N LEU A 260 7.47 -17.37 -15.80
CA LEU A 260 6.79 -17.72 -14.56
C LEU A 260 5.52 -18.55 -14.81
N PHE A 261 5.38 -19.65 -14.07
CA PHE A 261 4.21 -20.50 -14.18
C PHE A 261 3.84 -20.94 -12.78
N ASP A 262 2.60 -20.73 -12.40
CA ASP A 262 2.11 -20.97 -11.04
C ASP A 262 1.28 -22.26 -11.04
N GLU A 263 1.86 -23.38 -10.58
CA GLU A 263 1.14 -24.69 -10.74
C GLU A 263 -0.20 -24.68 -10.01
N GLU A 264 -0.26 -23.94 -8.94
CA GLU A 264 -1.46 -23.93 -8.14
C GLU A 264 -2.55 -23.01 -8.70
N GLY A 265 -2.20 -21.76 -9.02
CA GLY A 265 -3.01 -20.88 -9.88
C GLY A 265 -3.56 -21.51 -11.17
N ALA A 266 -2.77 -22.34 -11.83
CA ALA A 266 -3.18 -22.91 -13.08
C ALA A 266 -4.44 -23.71 -12.89
N LYS A 267 -4.59 -24.31 -11.73
CA LYS A 267 -5.82 -25.08 -11.46
C LYS A 267 -7.08 -24.25 -11.40
N ILE A 268 -6.99 -22.93 -11.21
CA ILE A 268 -8.18 -22.11 -11.02
C ILE A 268 -8.39 -21.13 -12.15
N VAL A 269 -7.43 -21.10 -13.08
CA VAL A 269 -7.56 -20.21 -14.25
C VAL A 269 -8.92 -20.27 -14.91
N LYS A 270 -9.31 -21.48 -15.32
CA LYS A 270 -10.58 -21.63 -16.00
C LYS A 270 -11.81 -21.22 -15.10
N ASP A 271 -11.72 -21.45 -13.80
CA ASP A 271 -12.77 -21.12 -12.81
C ASP A 271 -12.90 -19.57 -12.83
N LEU A 272 -11.78 -18.85 -12.78
CA LEU A 272 -11.83 -17.39 -12.89
C LEU A 272 -12.38 -16.91 -14.23
N MET A 273 -12.01 -17.55 -15.32
CA MET A 273 -12.53 -17.12 -16.59
C MET A 273 -14.03 -17.36 -16.68
N SER A 274 -14.52 -18.46 -16.12
CA SER A 274 -15.99 -18.65 -15.98
C SER A 274 -16.67 -17.55 -15.19
N LYS A 275 -16.18 -17.20 -14.01
CA LYS A 275 -16.81 -16.14 -13.27
C LYS A 275 -16.82 -14.86 -14.13
N ALA A 276 -15.76 -14.59 -14.89
CA ALA A 276 -15.75 -13.39 -15.73
C ALA A 276 -16.87 -13.50 -16.78
N GLU A 277 -16.92 -14.62 -17.48
CA GLU A 277 -18.04 -14.86 -18.43
C GLU A 277 -19.43 -14.73 -17.74
N LYS A 278 -19.57 -15.22 -16.50
CA LYS A 278 -20.86 -15.07 -15.74
C LYS A 278 -21.26 -13.64 -15.32
N ASN A 279 -20.29 -12.74 -15.20
CA ASN A 279 -20.58 -11.40 -14.75
C ASN A 279 -20.42 -10.43 -15.91
N GLY A 280 -20.16 -10.91 -17.11
CA GLY A 280 -20.10 -10.04 -18.32
C GLY A 280 -18.84 -9.15 -18.27
N VAL A 281 -17.73 -9.67 -17.74
CA VAL A 281 -16.47 -8.88 -17.62
C VAL A 281 -15.64 -9.30 -18.79
N LYS A 282 -15.20 -8.33 -19.56
CA LYS A 282 -14.41 -8.55 -20.70
C LYS A 282 -12.95 -8.61 -20.18
N ILE A 283 -12.31 -9.74 -20.44
CA ILE A 283 -10.92 -9.96 -20.00
C ILE A 283 -9.99 -9.66 -21.16
N THR A 284 -8.95 -8.85 -20.92
CA THR A 284 -7.88 -8.62 -21.88
C THR A 284 -6.55 -9.23 -21.36
N LEU A 285 -6.03 -10.18 -22.09
CA LEU A 285 -4.73 -10.75 -21.81
C LEU A 285 -3.75 -10.22 -22.87
N PRO A 286 -2.43 -10.31 -22.59
CA PRO A 286 -1.48 -9.91 -23.63
C PRO A 286 -1.44 -10.96 -24.76
N VAL A 287 -1.04 -10.47 -25.92
CA VAL A 287 -0.93 -11.25 -27.14
C VAL A 287 0.49 -11.26 -27.70
N ASP A 288 1.42 -10.47 -27.11
CA ASP A 288 2.77 -10.47 -27.50
C ASP A 288 3.72 -10.02 -26.37
N PHE A 289 5.02 -10.28 -26.50
CA PHE A 289 5.94 -10.26 -25.40
C PHE A 289 7.29 -9.78 -25.83
N VAL A 290 7.97 -9.12 -24.92
CA VAL A 290 9.41 -8.98 -24.97
C VAL A 290 10.03 -10.10 -24.15
N THR A 291 10.94 -10.82 -24.76
CA THR A 291 11.52 -11.99 -24.12
C THR A 291 12.94 -11.74 -23.66
N ALA A 292 13.41 -12.57 -22.71
CA ALA A 292 14.77 -12.44 -22.17
C ALA A 292 15.40 -13.81 -22.11
N ASP A 293 16.72 -13.90 -22.31
CA ASP A 293 17.36 -15.21 -22.19
C ASP A 293 17.62 -15.64 -20.76
N LYS A 294 17.44 -14.75 -19.80
CA LYS A 294 17.56 -15.05 -18.39
C LYS A 294 16.98 -13.90 -17.57
N PHE A 295 16.75 -14.12 -16.29
CA PHE A 295 16.16 -13.10 -15.41
C PHE A 295 17.24 -12.17 -14.97
N ASP A 296 17.59 -11.25 -15.88
CA ASP A 296 18.67 -10.28 -15.67
C ASP A 296 18.44 -9.01 -16.41
N GLU A 297 18.77 -7.93 -15.75
CA GLU A 297 18.61 -6.57 -16.30
C GLU A 297 19.23 -6.43 -17.70
N ASN A 298 20.40 -7.03 -17.93
CA ASN A 298 21.07 -6.94 -19.25
C ASN A 298 21.02 -8.20 -20.10
N ALA A 299 19.99 -9.00 -19.89
CA ALA A 299 19.79 -10.17 -20.70
C ALA A 299 19.64 -9.79 -22.16
N LYS A 300 19.92 -10.73 -23.02
CA LYS A 300 19.60 -10.57 -24.45
C LYS A 300 18.09 -10.59 -24.52
N THR A 301 17.54 -9.86 -25.47
CA THR A 301 16.12 -9.71 -25.57
C THR A 301 15.66 -10.27 -26.90
N GLY A 302 14.39 -10.65 -26.89
CA GLY A 302 13.70 -11.08 -28.10
C GLY A 302 12.24 -10.65 -28.12
N GLN A 303 11.52 -11.15 -29.12
CA GLN A 303 10.08 -10.80 -29.30
C GLN A 303 9.34 -12.12 -29.55
N ALA A 304 8.08 -12.19 -29.13
CA ALA A 304 7.28 -13.37 -29.29
C ALA A 304 5.84 -13.04 -29.17
N THR A 305 4.98 -13.95 -29.65
CA THR A 305 3.58 -13.80 -29.55
C THR A 305 2.99 -15.05 -28.95
N VAL A 306 1.72 -14.99 -28.61
CA VAL A 306 1.07 -16.19 -28.16
C VAL A 306 1.19 -17.29 -29.20
N ALA A 307 0.98 -16.95 -30.45
CA ALA A 307 1.01 -17.97 -31.54
C ALA A 307 2.41 -18.44 -31.88
N SER A 308 3.46 -17.60 -31.78
CA SER A 308 4.80 -18.11 -31.96
C SER A 308 5.28 -19.00 -30.84
N GLY A 309 4.85 -18.74 -29.61
CA GLY A 309 5.51 -19.30 -28.46
C GLY A 309 6.75 -18.57 -28.05
N ILE A 310 7.17 -18.79 -26.84
CA ILE A 310 8.44 -18.25 -26.30
C ILE A 310 9.46 -19.38 -26.37
N PRO A 311 10.66 -19.08 -26.87
CA PRO A 311 11.50 -20.27 -27.13
C PRO A 311 12.09 -20.85 -25.88
N ALA A 312 12.42 -22.15 -25.95
CA ALA A 312 13.04 -22.85 -24.84
C ALA A 312 14.13 -22.07 -24.22
N GLY A 313 14.12 -22.00 -22.89
CA GLY A 313 15.18 -21.30 -22.17
C GLY A 313 14.96 -19.80 -22.01
N TRP A 314 13.96 -19.23 -22.69
CA TRP A 314 13.67 -17.77 -22.66
C TRP A 314 12.44 -17.46 -21.89
N MET A 315 12.34 -16.25 -21.33
CA MET A 315 11.18 -15.93 -20.51
C MET A 315 10.59 -14.60 -21.00
N GLY A 316 9.26 -14.44 -21.00
CA GLY A 316 8.65 -13.09 -21.22
C GLY A 316 8.78 -12.19 -20.00
N LEU A 317 9.28 -10.96 -20.18
CA LEU A 317 9.42 -10.03 -19.03
C LEU A 317 8.66 -8.71 -19.27
N ASP A 318 8.01 -8.62 -20.39
CA ASP A 318 7.15 -7.42 -20.75
C ASP A 318 6.14 -7.81 -21.83
N CYS A 319 5.10 -6.99 -21.98
CA CYS A 319 4.19 -7.18 -23.11
C CYS A 319 4.79 -6.47 -24.30
N GLY A 320 4.32 -6.79 -25.49
CA GLY A 320 4.79 -6.18 -26.70
C GLY A 320 3.86 -5.09 -27.21
N PRO A 321 4.05 -4.68 -28.49
CA PRO A 321 3.26 -3.51 -28.93
C PRO A 321 1.79 -3.75 -29.17
N GLU A 322 1.44 -4.92 -29.73
CA GLU A 322 0.05 -5.26 -29.94
C GLU A 322 -0.71 -5.38 -28.61
N SER A 323 -0.05 -5.86 -27.57
CA SER A 323 -0.69 -5.88 -26.26
C SER A 323 -0.91 -4.46 -25.74
N SER A 324 0.11 -3.60 -25.90
CA SER A 324 0.00 -2.23 -25.45
C SER A 324 -1.19 -1.56 -26.15
N LYS A 325 -1.47 -1.89 -27.40
CA LYS A 325 -2.65 -1.37 -28.08
C LYS A 325 -3.94 -1.81 -27.47
N LYS A 326 -4.09 -3.12 -27.19
CA LYS A 326 -5.29 -3.66 -26.61
C LYS A 326 -5.51 -3.10 -25.23
N TYR A 327 -4.43 -2.97 -24.44
CA TYR A 327 -4.49 -2.32 -23.14
C TYR A 327 -4.94 -0.85 -23.25
N ALA A 328 -4.38 -0.12 -24.22
CA ALA A 328 -4.82 1.30 -24.42
C ALA A 328 -6.30 1.41 -24.81
N GLU A 329 -6.82 0.43 -25.55
CA GLU A 329 -8.18 0.42 -25.98
C GLU A 329 -9.06 0.25 -24.78
N ALA A 330 -8.66 -0.60 -23.86
CA ALA A 330 -9.44 -0.76 -22.63
C ALA A 330 -9.37 0.46 -21.73
N VAL A 331 -8.19 1.07 -21.60
CA VAL A 331 -8.05 2.30 -20.81
C VAL A 331 -8.92 3.43 -21.41
N THR A 332 -8.85 3.57 -22.74
CA THR A 332 -9.76 4.50 -23.46
C THR A 332 -11.23 4.37 -23.15
N ARG A 333 -11.75 3.15 -23.01
CA ARG A 333 -13.16 2.92 -22.74
C ARG A 333 -13.55 3.20 -21.29
N ALA A 334 -12.57 3.23 -20.39
CA ALA A 334 -12.84 3.22 -18.98
C ALA A 334 -13.18 4.65 -18.46
N LYS A 335 -14.04 4.72 -17.46
CA LYS A 335 -14.26 5.95 -16.71
C LYS A 335 -13.69 5.84 -15.31
N GLN A 336 -13.41 4.61 -14.89
CA GLN A 336 -12.71 4.36 -13.64
C GLN A 336 -11.68 3.23 -13.82
N ILE A 337 -10.47 3.44 -13.32
CA ILE A 337 -9.39 2.45 -13.42
C ILE A 337 -8.76 2.21 -12.07
N VAL A 338 -8.55 0.94 -11.73
CA VAL A 338 -7.73 0.60 -10.60
C VAL A 338 -6.62 -0.29 -11.13
N TRP A 339 -5.37 0.09 -10.89
CA TRP A 339 -4.24 -0.64 -11.38
C TRP A 339 -3.43 -1.18 -10.19
N ASN A 340 -3.30 -2.51 -10.12
CA ASN A 340 -2.45 -3.13 -9.10
C ASN A 340 -1.44 -4.07 -9.73
N GLY A 341 -0.15 -3.73 -9.64
CA GLY A 341 0.93 -4.60 -10.18
C GLY A 341 1.35 -4.31 -11.61
N PRO A 342 2.67 -4.32 -11.92
CA PRO A 342 3.07 -3.88 -13.26
C PRO A 342 2.85 -4.96 -14.34
N VAL A 343 2.99 -4.53 -15.57
CA VAL A 343 2.73 -5.41 -16.71
C VAL A 343 4.01 -5.88 -17.33
N GLY A 344 5.14 -5.49 -16.73
CA GLY A 344 6.43 -6.07 -17.00
C GLY A 344 7.45 -5.71 -15.93
N VAL A 345 8.72 -6.12 -16.15
CA VAL A 345 9.77 -5.88 -15.13
C VAL A 345 10.30 -4.47 -15.31
N PHE A 346 9.53 -3.51 -14.85
CA PHE A 346 9.74 -2.10 -15.28
C PHE A 346 10.99 -1.41 -14.62
N GLU A 347 11.56 -2.04 -13.60
CA GLU A 347 12.81 -1.61 -12.94
C GLU A 347 13.98 -1.73 -13.90
N TRP A 348 13.78 -2.55 -14.96
CA TRP A 348 14.76 -2.81 -15.96
C TRP A 348 14.32 -2.21 -17.26
N GLU A 349 15.12 -1.27 -17.75
CA GLU A 349 14.74 -0.48 -18.92
C GLU A 349 14.31 -1.31 -20.08
N ALA A 350 15.00 -2.39 -20.36
CA ALA A 350 14.64 -3.18 -21.53
C ALA A 350 13.23 -3.78 -21.40
N PHE A 351 12.71 -3.83 -20.21
CA PHE A 351 11.42 -4.50 -19.96
C PHE A 351 10.37 -3.59 -19.38
N ALA A 352 10.56 -2.31 -19.64
CA ALA A 352 9.80 -1.22 -19.02
C ALA A 352 8.84 -0.59 -19.98
N ARG A 353 9.02 -0.78 -21.28
CA ARG A 353 8.19 -0.06 -22.25
C ARG A 353 6.67 -0.25 -22.01
N GLY A 354 6.28 -1.49 -21.75
CA GLY A 354 4.84 -1.81 -21.54
C GLY A 354 4.24 -1.05 -20.41
N THR A 355 4.96 -1.00 -19.29
CA THR A 355 4.50 -0.37 -18.09
C THR A 355 4.44 1.16 -18.32
N LYS A 356 5.50 1.71 -18.90
CA LYS A 356 5.55 3.18 -19.10
C LYS A 356 4.51 3.58 -20.13
N ALA A 357 4.31 2.78 -21.18
CA ALA A 357 3.27 3.00 -22.18
C ALA A 357 1.88 2.95 -21.55
N LEU A 358 1.64 2.06 -20.60
CA LEU A 358 0.35 1.95 -20.02
C LEU A 358 0.13 3.11 -19.07
N MET A 359 1.18 3.48 -18.38
CA MET A 359 1.10 4.66 -17.56
C MET A 359 0.75 5.90 -18.38
N ASP A 360 1.45 6.12 -19.48
CA ASP A 360 1.11 7.21 -20.41
C ASP A 360 -0.38 7.25 -20.71
N GLU A 361 -1.01 6.10 -20.96
CA GLU A 361 -2.43 6.05 -21.24
C GLU A 361 -3.31 6.37 -20.07
N VAL A 362 -2.89 5.94 -18.90
CA VAL A 362 -3.65 6.15 -17.73
C VAL A 362 -3.59 7.63 -17.38
N VAL A 363 -2.45 8.27 -17.63
CA VAL A 363 -2.28 9.74 -17.40
C VAL A 363 -3.17 10.55 -18.37
N LYS A 364 -3.19 10.19 -19.65
CA LYS A 364 -4.18 10.76 -20.57
C LYS A 364 -5.59 10.61 -20.11
N ALA A 365 -5.93 9.41 -19.63
CA ALA A 365 -7.29 9.16 -19.23
C ALA A 365 -7.61 10.12 -18.09
N THR A 366 -6.68 10.25 -17.16
CA THR A 366 -6.94 11.13 -16.00
C THR A 366 -7.32 12.54 -16.53
N SER A 367 -6.57 13.00 -17.56
CA SER A 367 -6.71 14.34 -18.10
C SER A 367 -8.07 14.62 -18.62
N ARG A 368 -8.74 13.59 -19.15
CA ARG A 368 -10.09 13.69 -19.62
C ARG A 368 -11.15 13.17 -18.65
N GLY A 369 -10.80 13.11 -17.36
CA GLY A 369 -11.80 12.87 -16.32
C GLY A 369 -11.96 11.43 -15.84
N CYS A 370 -11.11 10.52 -16.32
CA CYS A 370 -11.11 9.17 -15.80
C CYS A 370 -10.64 9.23 -14.35
N ILE A 371 -11.29 8.47 -13.49
CA ILE A 371 -10.82 8.32 -12.12
C ILE A 371 -9.77 7.20 -12.12
N THR A 372 -8.56 7.54 -11.77
CA THR A 372 -7.46 6.59 -11.87
C THR A 372 -6.75 6.36 -10.52
N ILE A 373 -6.75 5.08 -10.12
CA ILE A 373 -6.22 4.62 -8.82
C ILE A 373 -5.06 3.63 -9.04
N ILE A 374 -3.86 3.94 -8.57
CA ILE A 374 -2.70 3.05 -8.62
C ILE A 374 -2.43 2.48 -7.22
N GLY A 375 -2.49 1.17 -7.11
CA GLY A 375 -2.42 0.46 -5.80
C GLY A 375 -0.96 0.18 -5.46
N LYS A 385 11.13 10.23 -7.17
CA LYS A 385 11.47 11.53 -7.81
C LYS A 385 10.32 12.21 -8.59
N TRP A 386 9.23 11.50 -8.86
CA TRP A 386 8.22 11.99 -9.84
C TRP A 386 7.03 12.67 -9.17
N ASN A 387 6.46 13.71 -9.82
CA ASN A 387 5.24 14.37 -9.32
C ASN A 387 3.97 13.65 -9.81
N THR A 388 3.90 12.33 -9.52
CA THR A 388 2.77 11.43 -9.85
C THR A 388 1.46 11.99 -9.27
N GLU A 389 1.59 12.76 -8.19
CA GLU A 389 0.53 13.64 -7.67
C GLU A 389 -0.36 14.32 -8.73
N ASP A 390 0.26 15.10 -9.62
CA ASP A 390 -0.50 15.85 -10.64
C ASP A 390 -1.23 14.99 -11.70
N LYS A 391 -0.75 13.75 -11.93
CA LYS A 391 -0.99 12.95 -13.16
C LYS A 391 -2.12 11.87 -13.09
N VAL A 392 -2.39 11.33 -11.91
CA VAL A 392 -3.43 10.33 -11.72
C VAL A 392 -4.23 10.75 -10.51
N SER A 393 -5.41 10.16 -10.33
CA SER A 393 -6.29 10.68 -9.30
C SER A 393 -5.71 10.31 -7.93
N HIS A 394 -5.20 9.10 -7.79
CA HIS A 394 -4.79 8.62 -6.49
C HIS A 394 -3.70 7.55 -6.60
N VAL A 395 -2.58 7.78 -5.91
CA VAL A 395 -1.52 6.79 -5.81
C VAL A 395 -1.58 6.29 -4.38
N SER A 396 -1.99 5.05 -4.14
CA SER A 396 -2.03 4.49 -2.80
C SER A 396 -0.64 4.32 -2.11
N THR A 397 -0.59 4.62 -0.80
CA THR A 397 0.65 4.52 0.01
C THR A 397 0.76 3.20 0.72
N GLY A 398 -0.17 2.30 0.48
CA GLY A 398 -0.13 1.05 1.23
C GLY A 398 -0.40 -0.17 0.38
N GLY A 399 0.62 -1.00 0.20
CA GLY A 399 0.53 -2.16 -0.68
C GLY A 399 -0.43 -3.21 -0.13
N GLY A 400 -0.09 -3.78 1.03
CA GLY A 400 -0.90 -4.86 1.65
C GLY A 400 -2.31 -4.46 2.09
N ALA A 401 -2.44 -3.22 2.62
CA ALA A 401 -3.74 -2.71 3.01
C ALA A 401 -4.66 -2.53 1.80
N SER A 402 -4.11 -1.95 0.75
CA SER A 402 -4.98 -1.68 -0.40
C SER A 402 -5.35 -3.05 -1.04
N LEU A 403 -4.45 -4.03 -0.99
CA LEU A 403 -4.77 -5.39 -1.50
C LEU A 403 -5.90 -6.01 -0.71
N GLU A 404 -5.83 -5.85 0.61
CA GLU A 404 -6.84 -6.46 1.47
C GLU A 404 -8.20 -5.80 1.24
N LEU A 405 -8.19 -4.51 0.96
CA LEU A 405 -9.42 -3.81 0.60
C LEU A 405 -9.97 -4.33 -0.73
N LEU A 406 -9.11 -4.42 -1.71
CA LEU A 406 -9.51 -4.95 -3.02
C LEU A 406 -10.05 -6.38 -2.94
N GLU A 407 -9.58 -7.17 -1.96
CA GLU A 407 -10.01 -8.55 -1.79
C GLU A 407 -11.35 -8.63 -1.09
N GLY A 408 -11.84 -7.48 -0.64
CA GLY A 408 -13.17 -7.32 -0.05
C GLY A 408 -13.17 -7.47 1.47
N LYS A 409 -12.01 -7.35 2.11
CA LYS A 409 -11.91 -7.60 3.54
C LYS A 409 -12.11 -6.25 4.26
N VAL A 410 -12.50 -6.32 5.51
CA VAL A 410 -12.54 -5.18 6.46
C VAL A 410 -11.14 -4.87 7.00
N LEU A 411 -10.78 -3.60 7.13
CA LEU A 411 -9.51 -3.28 7.73
C LEU A 411 -9.76 -3.01 9.23
N PRO A 412 -9.19 -3.81 10.16
CA PRO A 412 -9.22 -3.57 11.62
C PRO A 412 -8.98 -2.14 12.03
N GLY A 413 -7.97 -1.52 11.46
CA GLY A 413 -7.64 -0.13 11.72
C GLY A 413 -8.76 0.85 11.33
N VAL A 414 -9.51 0.55 10.30
CA VAL A 414 -10.67 1.43 9.94
C VAL A 414 -11.89 1.16 10.80
N ASP A 415 -12.12 -0.11 11.04
CA ASP A 415 -13.24 -0.56 11.84
C ASP A 415 -13.11 -0.05 13.22
N ALA A 416 -11.89 0.16 13.71
CA ALA A 416 -11.70 0.69 15.05
C ALA A 416 -11.95 2.22 15.21
N LEU A 417 -12.06 2.91 14.11
CA LEU A 417 -12.29 4.33 14.19
C LEU A 417 -13.68 4.60 14.78
N SER A 418 -13.82 5.79 15.35
CA SER A 418 -15.13 6.24 15.92
C SER A 418 -16.14 6.43 14.80
N ASN A 419 -17.42 6.16 15.05
CA ASN A 419 -18.47 6.54 14.07
C ASN A 419 -19.02 7.90 14.42
N ILE A 420 -19.40 8.65 13.39
CA ILE A 420 -20.15 9.91 13.50
C ILE A 420 -20.22 10.49 12.10
#